data_9FZB
#
_entry.id   9FZB
#
_cell.length_a   37.713
_cell.length_b   94.011
_cell.length_c   53.170
_cell.angle_alpha   90.000
_cell.angle_beta   110.108
_cell.angle_gamma   90.000
#
_symmetry.space_group_name_H-M   'P 1 21 1'
#
loop_
_entity.id
_entity.type
_entity.pdbx_description
1 polymer 'Cellular tumor antigen p53'
2 polymer 'DARPin C10-H82R'
3 non-polymer 1,2-ETHANEDIOL
4 non-polymer 'ZINC ION'
5 water water
#
loop_
_entity_poly.entity_id
_entity_poly.type
_entity_poly.pdbx_seq_one_letter_code
_entity_poly.pdbx_strand_id
1 'polypeptide(L)'
;SSSSVPSQKTYQGSYGFRLGFLHSGTAKSVTCTYSPALNKMFCQLAKTCPVQLWVDSTPPPGTRVRAMAIYKQSQHMTEV
VRRCPHHERCSDSDGLAPPQHLIRVEGNLRVEYLDDRNTFRHSVVVPYEPPEVGSDCTTIHYNYMCNSSCMGGMNRRPIL
TIITLEDSSGNLLGRNSFEVRVCACPGRDRRTEEENLRKKGE
;
A
2 'polypeptide(L)'
;GSDLGKKLLEAAWHGQDDEVRILMANGADVNATDQSGMTPLHLAAWRGHLEIVEVLLKTGADVNAIDRWGKTPLHLAARI
GRLEIVEVLLKAGADVNAQDKFGKTPFDLAIDNGNEDIAEVLQKAA
;
E
#
loop_
_chem_comp.id
_chem_comp.type
_chem_comp.name
_chem_comp.formula
EDO non-polymer 1,2-ETHANEDIOL 'C2 H6 O2'
ZN non-polymer 'ZINC ION' 'Zn 2'
#
# COMPACT_ATOMS: atom_id res chain seq x y z
N SER A 4 -21.06 -13.13 2.93
CA SER A 4 -21.16 -12.38 4.19
C SER A 4 -20.68 -10.95 4.01
N VAL A 5 -20.61 -10.21 5.12
CA VAL A 5 -20.01 -8.87 5.10
C VAL A 5 -18.54 -9.00 4.75
N PRO A 6 -18.06 -8.28 3.73
CA PRO A 6 -16.68 -8.49 3.26
C PRO A 6 -15.65 -8.19 4.33
N SER A 7 -14.62 -9.03 4.40
CA SER A 7 -13.55 -8.80 5.36
C SER A 7 -12.71 -7.59 4.96
N GLN A 8 -12.29 -6.81 5.96
CA GLN A 8 -11.37 -5.70 5.77
C GLN A 8 -10.03 -5.95 6.43
N LYS A 9 -9.81 -7.12 7.00
CA LYS A 9 -8.64 -7.39 7.81
C LYS A 9 -7.37 -7.44 6.96
N THR A 10 -6.35 -6.69 7.36
CA THR A 10 -5.05 -6.79 6.71
C THR A 10 -4.56 -8.23 6.78
N TYR A 11 -4.11 -8.76 5.64
CA TYR A 11 -3.55 -10.11 5.57
C TYR A 11 -2.41 -10.04 4.55
N GLN A 12 -1.18 -9.90 5.05
CA GLN A 12 -0.07 -9.78 4.13
C GLN A 12 0.23 -11.09 3.43
N GLY A 13 0.03 -12.22 4.09
CA GLY A 13 0.08 -13.51 3.43
C GLY A 13 1.48 -13.95 3.04
N SER A 14 1.51 -15.05 2.29
N SER A 14 1.52 -15.04 2.29
CA SER A 14 2.79 -15.66 1.91
CA SER A 14 2.80 -15.65 1.94
C SER A 14 3.61 -14.77 1.00
C SER A 14 3.58 -14.88 0.88
N TYR A 15 2.94 -13.92 0.20
CA TYR A 15 3.66 -13.07 -0.73
C TYR A 15 4.00 -11.72 -0.15
N GLY A 16 3.67 -11.48 1.13
CA GLY A 16 4.05 -10.25 1.79
C GLY A 16 3.48 -9.00 1.14
N PHE A 17 2.15 -8.98 0.99
CA PHE A 17 1.45 -7.99 0.18
C PHE A 17 1.21 -6.72 0.98
N ARG A 18 1.69 -5.59 0.46
CA ARG A 18 1.47 -4.26 1.03
C ARG A 18 0.99 -3.31 -0.04
N LEU A 19 0.38 -2.19 0.40
CA LEU A 19 -0.01 -1.11 -0.51
C LEU A 19 0.90 0.09 -0.32
N GLY A 20 1.19 0.76 -1.44
CA GLY A 20 1.86 2.05 -1.39
C GLY A 20 1.06 3.08 -2.15
N PHE A 21 1.33 4.35 -1.83
CA PHE A 21 0.66 5.48 -2.43
C PHE A 21 1.70 6.55 -2.74
N LEU A 22 1.36 7.48 -3.62
CA LEU A 22 2.28 8.56 -3.91
C LEU A 22 2.34 9.54 -2.73
N HIS A 23 3.38 10.37 -2.73
CA HIS A 23 3.49 11.51 -1.82
C HIS A 23 3.00 12.73 -2.59
N SER A 24 1.74 13.11 -2.36
CA SER A 24 1.11 14.15 -3.17
C SER A 24 0.78 15.43 -2.41
N GLY A 25 0.95 15.46 -1.09
CA GLY A 25 0.80 16.72 -0.37
C GLY A 25 -0.64 17.19 -0.23
N THR A 26 -0.77 18.46 0.15
CA THR A 26 -2.07 19.03 0.50
C THR A 26 -2.33 20.37 -0.19
N ALA A 27 -1.69 20.61 -1.35
CA ALA A 27 -1.88 21.86 -2.06
C ALA A 27 -3.33 22.02 -2.52
N LYS A 28 -3.69 23.26 -2.87
CA LYS A 28 -5.08 23.61 -3.13
C LYS A 28 -5.66 22.85 -4.33
N SER A 29 -4.83 22.50 -5.31
CA SER A 29 -5.31 21.89 -6.55
C SER A 29 -5.01 20.40 -6.63
N VAL A 30 -4.64 19.78 -5.51
CA VAL A 30 -4.29 18.36 -5.53
C VAL A 30 -5.53 17.52 -5.82
N THR A 31 -5.34 16.45 -6.59
CA THR A 31 -6.45 15.60 -7.03
C THR A 31 -6.52 14.25 -6.32
N CYS A 32 -5.42 13.76 -5.76
CA CYS A 32 -5.41 12.52 -5.00
C CYS A 32 -4.26 12.60 -4.03
N THR A 33 -4.53 12.29 -2.76
CA THR A 33 -3.50 12.37 -1.74
C THR A 33 -3.83 11.36 -0.65
N TYR A 34 -2.79 10.80 -0.04
CA TYR A 34 -2.94 9.74 0.95
C TYR A 34 -2.36 10.19 2.28
N SER A 35 -3.14 10.01 3.35
CA SER A 35 -2.68 10.32 4.70
C SER A 35 -2.26 9.04 5.41
N PRO A 36 -0.97 8.81 5.65
CA PRO A 36 -0.59 7.61 6.41
C PRO A 36 -1.13 7.59 7.83
N ALA A 37 -1.23 8.75 8.50
CA ALA A 37 -1.71 8.78 9.88
C ALA A 37 -3.17 8.38 9.98
N LEU A 38 -3.97 8.65 8.95
CA LEU A 38 -5.37 8.24 8.91
C LEU A 38 -5.59 6.96 8.12
N ASN A 39 -4.56 6.41 7.47
CA ASN A 39 -4.73 5.37 6.46
C ASN A 39 -5.90 5.69 5.54
N LYS A 40 -5.86 6.88 4.96
CA LYS A 40 -7.04 7.41 4.27
C LYS A 40 -6.61 8.14 3.00
N MET A 41 -7.25 7.79 1.89
N MET A 41 -7.26 7.77 1.90
CA MET A 41 -7.05 8.47 0.61
CA MET A 41 -7.12 8.46 0.64
C MET A 41 -8.12 9.54 0.43
C MET A 41 -8.14 9.59 0.57
N PHE A 42 -7.70 10.73 0.04
CA PHE A 42 -8.60 11.83 -0.28
C PHE A 42 -8.44 12.09 -1.77
N CYS A 43 -9.54 12.08 -2.51
CA CYS A 43 -9.42 12.24 -3.96
C CYS A 43 -10.64 12.95 -4.52
N GLN A 44 -10.47 13.54 -5.71
CA GLN A 44 -11.57 14.16 -6.43
C GLN A 44 -12.26 13.14 -7.33
N LEU A 45 -13.54 13.41 -7.60
CA LEU A 45 -14.36 12.53 -8.43
C LEU A 45 -13.72 12.34 -9.79
N ALA A 46 -13.59 11.07 -10.20
CA ALA A 46 -13.14 10.64 -11.52
C ALA A 46 -11.65 10.84 -11.77
N LYS A 47 -10.88 11.37 -10.83
CA LYS A 47 -9.46 11.59 -11.06
C LYS A 47 -8.67 10.32 -10.80
N THR A 48 -7.48 10.25 -11.41
CA THR A 48 -6.61 9.08 -11.27
C THR A 48 -6.13 8.94 -9.83
N CYS A 49 -6.29 7.74 -9.28
CA CYS A 49 -5.82 7.42 -7.93
C CYS A 49 -4.85 6.26 -8.03
N PRO A 50 -3.55 6.52 -8.04
CA PRO A 50 -2.59 5.42 -8.15
C PRO A 50 -2.50 4.65 -6.84
N VAL A 51 -2.60 3.34 -6.93
CA VAL A 51 -2.41 2.45 -5.80
C VAL A 51 -1.32 1.45 -6.19
N GLN A 52 -0.27 1.38 -5.40
CA GLN A 52 0.88 0.53 -5.69
C GLN A 52 0.74 -0.80 -4.96
N LEU A 53 0.96 -1.89 -5.67
CA LEU A 53 1.00 -3.22 -5.06
C LEU A 53 2.46 -3.57 -4.84
N TRP A 54 2.85 -3.78 -3.59
CA TRP A 54 4.20 -4.19 -3.22
C TRP A 54 4.13 -5.61 -2.70
N VAL A 55 4.94 -6.50 -3.25
CA VAL A 55 4.97 -7.89 -2.81
C VAL A 55 6.40 -8.27 -2.47
N ASP A 56 6.55 -9.06 -1.40
CA ASP A 56 7.86 -9.57 -1.04
C ASP A 56 8.31 -10.68 -1.99
N SER A 57 7.36 -11.42 -2.56
CA SER A 57 7.67 -12.35 -3.64
C SER A 57 6.54 -12.34 -4.64
N THR A 58 6.85 -12.70 -5.87
CA THR A 58 5.91 -12.52 -6.97
C THR A 58 4.84 -13.61 -6.94
N PRO A 59 3.57 -13.25 -6.83
CA PRO A 59 2.53 -14.27 -6.93
C PRO A 59 2.45 -14.79 -8.34
N PRO A 60 1.90 -15.98 -8.54
CA PRO A 60 2.05 -16.67 -9.82
C PRO A 60 1.12 -16.11 -10.88
N PRO A 61 1.44 -16.32 -12.16
CA PRO A 61 0.53 -15.91 -13.23
C PRO A 61 -0.86 -16.50 -13.01
N GLY A 62 -1.88 -15.70 -13.32
CA GLY A 62 -3.24 -16.05 -13.00
C GLY A 62 -3.77 -15.38 -11.74
N THR A 63 -2.88 -14.82 -10.92
CA THR A 63 -3.30 -14.03 -9.78
C THR A 63 -4.08 -12.82 -10.27
N ARG A 64 -5.09 -12.42 -9.49
CA ARG A 64 -5.94 -11.28 -9.81
C ARG A 64 -5.97 -10.32 -8.64
N VAL A 65 -6.32 -9.08 -8.94
CA VAL A 65 -6.37 -8.01 -7.95
C VAL A 65 -7.78 -7.41 -7.98
N ARG A 66 -8.50 -7.53 -6.87
CA ARG A 66 -9.88 -7.06 -6.78
C ARG A 66 -9.96 -5.85 -5.86
N ALA A 67 -10.78 -4.87 -6.25
CA ALA A 67 -11.11 -3.73 -5.41
C ALA A 67 -12.62 -3.71 -5.16
N MET A 68 -12.99 -3.44 -3.91
CA MET A 68 -14.38 -3.36 -3.50
C MET A 68 -14.52 -2.30 -2.41
N ALA A 69 -15.63 -1.55 -2.43
CA ALA A 69 -15.92 -0.55 -1.42
C ALA A 69 -16.94 -1.11 -0.43
N ILE A 70 -16.75 -0.80 0.86
CA ILE A 70 -17.76 -1.05 1.88
C ILE A 70 -17.89 0.19 2.75
N TYR A 71 -19.05 0.33 3.41
CA TYR A 71 -19.20 1.39 4.40
C TYR A 71 -18.39 1.06 5.65
N LYS A 72 -17.69 2.07 6.17
CA LYS A 72 -16.82 1.88 7.32
C LYS A 72 -17.60 1.69 8.62
N GLN A 73 -18.71 2.40 8.78
CA GLN A 73 -19.46 2.38 10.03
C GLN A 73 -20.28 1.10 10.15
N SER A 74 -20.22 0.49 11.34
CA SER A 74 -20.85 -0.82 11.53
C SER A 74 -22.33 -0.81 11.17
N GLN A 75 -23.03 0.29 11.47
CA GLN A 75 -24.46 0.33 11.19
C GLN A 75 -24.79 0.47 9.71
N HIS A 76 -23.80 0.76 8.86
CA HIS A 76 -24.01 0.83 7.42
C HIS A 76 -23.27 -0.25 6.66
N MET A 77 -22.48 -1.09 7.33
CA MET A 77 -21.59 -2.01 6.64
C MET A 77 -22.35 -3.03 5.79
N THR A 78 -23.60 -3.34 6.15
CA THR A 78 -24.39 -4.29 5.39
C THR A 78 -25.01 -3.71 4.11
N GLU A 79 -24.92 -2.39 3.90
CA GLU A 79 -25.50 -1.77 2.71
C GLU A 79 -24.47 -1.74 1.59
N VAL A 80 -24.89 -2.13 0.39
CA VAL A 80 -24.00 -2.14 -0.77
C VAL A 80 -23.64 -0.71 -1.15
N VAL A 81 -22.35 -0.45 -1.38
CA VAL A 81 -21.89 0.86 -1.84
C VAL A 81 -22.15 0.97 -3.34
N ARG A 82 -22.93 1.98 -3.74
CA ARG A 82 -23.32 2.19 -5.13
C ARG A 82 -23.22 3.68 -5.43
N ARG A 83 -23.13 4.00 -6.73
CA ARG A 83 -23.25 5.39 -7.15
C ARG A 83 -24.67 5.89 -6.94
N CYS A 84 -24.78 7.22 -6.75
CA CYS A 84 -26.08 7.85 -6.60
C CYS A 84 -26.85 7.81 -7.92
N PRO A 85 -28.18 7.96 -7.86
CA PRO A 85 -28.96 7.92 -9.11
C PRO A 85 -28.55 8.96 -10.14
N HIS A 86 -28.25 10.19 -9.71
CA HIS A 86 -27.83 11.22 -10.66
C HIS A 86 -26.62 10.76 -11.46
N HIS A 87 -25.59 10.25 -10.77
CA HIS A 87 -24.37 9.86 -11.48
C HIS A 87 -24.55 8.55 -12.23
N GLU A 88 -25.39 7.65 -11.72
CA GLU A 88 -25.70 6.43 -12.46
C GLU A 88 -26.32 6.74 -13.81
N ARG A 89 -27.09 7.82 -13.91
CA ARG A 89 -27.81 8.19 -15.12
CA ARG A 89 -27.79 8.15 -15.14
C ARG A 89 -27.10 9.24 -15.97
N CYS A 90 -25.91 9.68 -15.57
CA CYS A 90 -25.30 10.81 -16.27
C CYS A 90 -24.52 10.43 -17.52
N SER A 91 -24.53 9.15 -17.91
CA SER A 91 -23.92 8.70 -19.17
C SER A 91 -22.42 8.99 -19.23
N ASP A 92 -21.70 8.59 -18.18
CA ASP A 92 -20.27 8.84 -18.10
C ASP A 92 -19.43 7.57 -18.08
N SER A 93 -19.97 6.45 -18.52
CA SER A 93 -19.15 5.24 -18.59
C SER A 93 -18.06 5.40 -19.63
N ASP A 94 -16.91 4.79 -19.35
CA ASP A 94 -15.84 4.68 -20.34
C ASP A 94 -16.10 3.58 -21.36
N GLY A 95 -17.26 2.92 -21.28
CA GLY A 95 -17.58 1.82 -22.14
C GLY A 95 -17.25 0.46 -21.58
N LEU A 96 -16.50 0.40 -20.48
CA LEU A 96 -16.22 -0.84 -19.77
C LEU A 96 -16.95 -0.93 -18.45
N ALA A 97 -17.02 0.17 -17.69
CA ALA A 97 -17.60 0.14 -16.35
C ALA A 97 -19.12 0.25 -16.43
N PRO A 98 -19.86 -0.60 -15.75
CA PRO A 98 -21.30 -0.37 -15.57
C PRO A 98 -21.51 0.96 -14.87
N PRO A 99 -22.53 1.73 -15.27
CA PRO A 99 -22.70 3.08 -14.73
C PRO A 99 -22.98 3.13 -13.24
N GLN A 100 -23.35 2.03 -12.60
CA GLN A 100 -23.63 2.03 -11.18
C GLN A 100 -22.40 1.83 -10.31
N HIS A 101 -21.28 1.39 -10.88
CA HIS A 101 -20.11 1.04 -10.07
C HIS A 101 -19.36 2.28 -9.60
N LEU A 102 -19.09 2.33 -8.29
CA LEU A 102 -18.31 3.43 -7.73
C LEU A 102 -16.85 3.39 -8.21
N ILE A 103 -16.21 2.23 -8.13
CA ILE A 103 -14.77 2.12 -8.39
C ILE A 103 -14.54 1.61 -9.80
N ARG A 104 -13.73 2.35 -10.57
CA ARG A 104 -13.29 1.93 -11.89
C ARG A 104 -11.77 1.79 -11.91
N VAL A 105 -11.28 1.03 -12.89
CA VAL A 105 -9.86 1.01 -13.22
C VAL A 105 -9.68 1.64 -14.59
N GLU A 106 -8.76 2.59 -14.69
CA GLU A 106 -8.46 3.19 -15.98
C GLU A 106 -7.16 2.63 -16.55
N GLY A 107 -7.09 2.62 -17.88
CA GLY A 107 -5.86 2.26 -18.56
C GLY A 107 -5.55 0.78 -18.61
N ASN A 108 -6.53 -0.09 -18.40
CA ASN A 108 -6.30 -1.54 -18.44
C ASN A 108 -7.45 -2.20 -19.19
N LEU A 109 -7.19 -2.65 -20.42
CA LEU A 109 -8.24 -3.25 -21.24
C LEU A 109 -8.67 -4.62 -20.74
N ARG A 110 -7.95 -5.23 -19.79
CA ARG A 110 -8.33 -6.52 -19.25
C ARG A 110 -9.16 -6.41 -17.98
N VAL A 111 -9.63 -5.20 -17.65
CA VAL A 111 -10.46 -5.03 -16.46
C VAL A 111 -11.76 -5.81 -16.59
N GLU A 112 -12.25 -6.32 -15.47
CA GLU A 112 -13.54 -6.98 -15.39
C GLU A 112 -14.31 -6.37 -14.23
N TYR A 113 -15.62 -6.17 -14.44
CA TYR A 113 -16.51 -5.63 -13.42
C TYR A 113 -17.49 -6.72 -13.02
N LEU A 114 -17.68 -6.91 -11.71
CA LEU A 114 -18.52 -7.98 -11.19
C LEU A 114 -19.65 -7.40 -10.36
N ASP A 115 -20.86 -7.92 -10.60
CA ASP A 115 -22.00 -7.75 -9.71
C ASP A 115 -22.27 -9.11 -9.08
N ASP A 116 -22.00 -9.23 -7.78
CA ASP A 116 -22.10 -10.53 -7.13
C ASP A 116 -23.55 -11.01 -7.14
N ARG A 117 -23.77 -12.23 -7.61
CA ARG A 117 -25.13 -12.72 -7.80
C ARG A 117 -25.89 -12.88 -6.49
N ASN A 118 -25.18 -13.01 -5.37
CA ASN A 118 -25.81 -13.24 -4.07
C ASN A 118 -25.81 -12.00 -3.19
N THR A 119 -24.66 -11.35 -3.02
CA THR A 119 -24.54 -10.18 -2.15
C THR A 119 -24.87 -8.88 -2.86
N PHE A 120 -24.92 -8.89 -4.19
CA PHE A 120 -25.13 -7.72 -5.04
C PHE A 120 -24.03 -6.68 -4.92
N ARG A 121 -22.92 -7.02 -4.28
CA ARG A 121 -21.82 -6.08 -4.18
C ARG A 121 -21.07 -5.98 -5.49
N HIS A 122 -20.58 -4.78 -5.75
CA HIS A 122 -19.80 -4.50 -6.94
C HIS A 122 -18.32 -4.66 -6.63
N SER A 123 -17.57 -5.12 -7.63
CA SER A 123 -16.13 -5.09 -7.53
C SER A 123 -15.53 -4.98 -8.92
N VAL A 124 -14.25 -4.59 -8.96
CA VAL A 124 -13.53 -4.41 -10.19
C VAL A 124 -12.21 -5.17 -10.05
N VAL A 125 -11.86 -5.98 -11.05
N VAL A 125 -11.86 -5.95 -11.07
CA VAL A 125 -10.73 -6.89 -10.94
CA VAL A 125 -10.75 -6.89 -11.01
C VAL A 125 -9.86 -6.83 -12.19
C VAL A 125 -9.85 -6.68 -12.22
N VAL A 126 -8.54 -6.81 -12.00
CA VAL A 126 -7.60 -6.86 -13.11
C VAL A 126 -6.62 -8.00 -12.86
N PRO A 127 -6.00 -8.52 -13.92
CA PRO A 127 -4.92 -9.50 -13.71
C PRO A 127 -3.73 -8.87 -13.02
N TYR A 128 -3.11 -9.61 -12.11
CA TYR A 128 -1.86 -9.15 -11.52
C TYR A 128 -0.75 -9.28 -12.56
N GLU A 129 0.03 -8.21 -12.72
CA GLU A 129 1.25 -8.27 -13.50
C GLU A 129 2.41 -7.81 -12.62
N PRO A 130 3.58 -8.43 -12.75
CA PRO A 130 4.71 -8.01 -11.94
C PRO A 130 5.20 -6.64 -12.36
N PRO A 131 6.04 -6.00 -11.55
CA PRO A 131 6.53 -4.66 -11.91
C PRO A 131 7.26 -4.67 -13.25
N GLU A 132 7.16 -3.54 -13.96
CA GLU A 132 7.94 -3.39 -15.17
C GLU A 132 9.42 -3.36 -14.84
N VAL A 133 10.25 -3.57 -15.86
CA VAL A 133 11.70 -3.57 -15.64
C VAL A 133 12.13 -2.22 -15.09
N GLY A 134 12.93 -2.25 -14.03
CA GLY A 134 13.35 -1.05 -13.35
C GLY A 134 12.38 -0.51 -12.33
N SER A 135 11.22 -1.15 -12.16
CA SER A 135 10.19 -0.71 -11.23
C SER A 135 10.16 -1.62 -10.01
N ASP A 136 9.77 -1.05 -8.88
N ASP A 136 9.75 -1.06 -8.88
CA ASP A 136 9.71 -1.81 -7.62
CA ASP A 136 9.72 -1.79 -7.62
C ASP A 136 8.32 -2.35 -7.32
C ASP A 136 8.31 -2.22 -7.22
N CYS A 137 7.29 -1.84 -7.98
CA CYS A 137 5.93 -2.15 -7.60
C CYS A 137 5.05 -2.12 -8.83
N THR A 138 3.85 -2.66 -8.68
CA THR A 138 2.85 -2.66 -9.73
C THR A 138 1.80 -1.62 -9.38
N THR A 139 1.51 -0.72 -10.31
CA THR A 139 0.54 0.34 -10.05
C THR A 139 -0.77 0.08 -10.76
N ILE A 140 -1.87 0.25 -10.03
N ILE A 140 -1.88 0.27 -10.03
CA ILE A 140 -3.22 0.24 -10.61
CA ILE A 140 -3.22 0.24 -10.58
C ILE A 140 -3.77 1.65 -10.48
C ILE A 140 -3.79 1.65 -10.47
N HIS A 141 -4.41 2.14 -11.54
CA HIS A 141 -5.04 3.46 -11.54
C HIS A 141 -6.55 3.31 -11.31
N TYR A 142 -7.00 3.68 -10.11
CA TYR A 142 -8.41 3.63 -9.77
C TYR A 142 -9.06 5.00 -9.97
N ASN A 143 -10.36 4.98 -10.23
CA ASN A 143 -11.18 6.19 -10.22
C ASN A 143 -12.39 5.96 -9.34
N TYR A 144 -12.80 6.98 -8.59
CA TYR A 144 -13.99 6.93 -7.76
C TYR A 144 -15.02 7.87 -8.37
N MET A 145 -16.22 7.34 -8.61
CA MET A 145 -17.14 7.99 -9.54
C MET A 145 -18.31 8.73 -8.86
N CYS A 146 -18.30 8.83 -7.54
CA CYS A 146 -19.23 9.70 -6.81
C CYS A 146 -18.46 10.37 -5.69
N ASN A 147 -18.94 11.55 -5.29
CA ASN A 147 -18.39 12.18 -4.09
C ASN A 147 -18.97 11.50 -2.86
N SER A 148 -18.20 11.53 -1.77
CA SER A 148 -18.69 11.01 -0.50
C SER A 148 -20.00 11.65 -0.10
N SER A 149 -20.20 12.91 -0.48
CA SER A 149 -21.38 13.67 -0.11
C SER A 149 -22.60 13.43 -1.00
N CYS A 150 -22.50 12.62 -2.06
CA CYS A 150 -23.63 12.42 -2.97
C CYS A 150 -24.86 11.94 -2.21
N MET A 151 -25.94 12.73 -2.23
CA MET A 151 -27.05 12.44 -1.33
C MET A 151 -27.81 11.17 -1.72
N GLY A 152 -27.90 10.87 -3.02
CA GLY A 152 -28.54 9.62 -3.37
C GLY A 152 -27.70 8.38 -3.16
N GLY A 153 -26.49 8.53 -2.65
CA GLY A 153 -25.55 7.41 -2.60
C GLY A 153 -24.82 7.31 -1.28
N MET A 154 -23.52 7.62 -1.28
CA MET A 154 -22.75 7.48 -0.05
C MET A 154 -23.29 8.39 1.05
N ASN A 155 -23.84 9.55 0.68
CA ASN A 155 -24.56 10.44 1.60
C ASN A 155 -23.75 10.76 2.85
N ARG A 156 -22.48 11.11 2.65
CA ARG A 156 -21.55 11.57 3.68
C ARG A 156 -21.03 10.46 4.58
N ARG A 157 -21.30 9.22 4.24
CA ARG A 157 -20.82 8.10 5.06
C ARG A 157 -19.44 7.67 4.58
N PRO A 158 -18.48 7.49 5.49
CA PRO A 158 -17.15 7.02 5.09
C PRO A 158 -17.19 5.61 4.53
N ILE A 159 -16.30 5.36 3.57
CA ILE A 159 -16.11 4.04 2.99
C ILE A 159 -14.68 3.59 3.17
N LEU A 160 -14.50 2.27 3.08
CA LEU A 160 -13.19 1.66 2.91
C LEU A 160 -13.11 1.06 1.52
N THR A 161 -11.91 1.05 0.94
CA THR A 161 -11.62 0.22 -0.22
C THR A 161 -10.80 -0.97 0.25
N ILE A 162 -11.23 -2.16 -0.14
CA ILE A 162 -10.54 -3.41 0.17
C ILE A 162 -9.89 -3.90 -1.11
N ILE A 163 -8.57 -4.09 -1.08
CA ILE A 163 -7.81 -4.62 -2.21
C ILE A 163 -7.42 -6.05 -1.87
N THR A 164 -7.90 -7.01 -2.65
CA THR A 164 -7.62 -8.42 -2.42
C THR A 164 -6.75 -8.97 -3.55
N LEU A 165 -5.66 -9.63 -3.19
CA LEU A 165 -4.92 -10.48 -4.11
C LEU A 165 -5.54 -11.87 -4.05
N GLU A 166 -5.96 -12.39 -5.20
CA GLU A 166 -6.66 -13.67 -5.26
C GLU A 166 -6.02 -14.58 -6.29
N ASP A 167 -6.16 -15.89 -6.09
CA ASP A 167 -5.76 -16.81 -7.14
C ASP A 167 -6.82 -16.85 -8.23
N SER A 168 -6.58 -17.65 -9.27
CA SER A 168 -7.50 -17.69 -10.40
C SER A 168 -8.88 -18.19 -10.00
N SER A 169 -9.00 -18.94 -8.91
CA SER A 169 -10.28 -19.45 -8.42
C SER A 169 -10.96 -18.49 -7.43
N GLY A 170 -10.31 -17.39 -7.07
CA GLY A 170 -10.86 -16.46 -6.11
C GLY A 170 -10.43 -16.69 -4.68
N ASN A 171 -9.55 -17.64 -4.44
CA ASN A 171 -9.07 -17.88 -3.09
C ASN A 171 -8.16 -16.74 -2.64
N LEU A 172 -8.19 -16.47 -1.34
CA LEU A 172 -7.43 -15.36 -0.77
C LEU A 172 -5.93 -15.63 -0.82
N LEU A 173 -5.17 -14.65 -1.33
CA LEU A 173 -3.73 -14.63 -1.19
C LEU A 173 -3.22 -13.49 -0.31
N GLY A 174 -3.90 -12.34 -0.31
CA GLY A 174 -3.50 -11.21 0.50
C GLY A 174 -4.60 -10.17 0.48
N ARG A 175 -4.62 -9.33 1.52
CA ARG A 175 -5.66 -8.32 1.61
C ARG A 175 -5.12 -7.09 2.31
N ASN A 176 -5.50 -5.92 1.82
CA ASN A 176 -5.21 -4.65 2.45
C ASN A 176 -6.39 -3.71 2.23
N SER A 177 -6.47 -2.65 3.04
CA SER A 177 -7.60 -1.74 2.94
C SER A 177 -7.17 -0.34 3.34
N PHE A 178 -7.97 0.64 2.90
CA PHE A 178 -7.75 2.03 3.26
C PHE A 178 -9.09 2.75 3.18
N GLU A 179 -9.23 3.76 4.05
CA GLU A 179 -10.42 4.60 3.99
C GLU A 179 -10.31 5.54 2.80
N VAL A 180 -11.47 5.96 2.27
CA VAL A 180 -11.51 6.90 1.15
C VAL A 180 -12.53 7.99 1.45
N ARG A 181 -12.16 9.22 1.16
CA ARG A 181 -13.09 10.34 1.06
C ARG A 181 -12.95 10.89 -0.35
N VAL A 182 -14.05 10.92 -1.09
CA VAL A 182 -14.09 11.53 -2.40
C VAL A 182 -14.71 12.91 -2.22
N CYS A 183 -13.96 13.96 -2.55
CA CYS A 183 -14.38 15.30 -2.20
C CYS A 183 -13.80 16.29 -3.18
N ALA A 184 -14.32 17.52 -3.10
CA ALA A 184 -13.90 18.59 -4.01
C ALA A 184 -12.46 19.01 -3.75
N CYS A 185 -12.05 19.03 -2.47
CA CYS A 185 -10.79 19.65 -2.04
C CYS A 185 -10.04 18.65 -1.17
N PRO A 186 -9.43 17.63 -1.79
CA PRO A 186 -8.74 16.60 -0.98
C PRO A 186 -7.59 17.13 -0.14
N GLY A 187 -6.85 18.11 -0.64
CA GLY A 187 -5.74 18.64 0.14
C GLY A 187 -6.22 19.36 1.38
N ARG A 188 -7.22 20.23 1.21
CA ARG A 188 -7.80 20.92 2.36
C ARG A 188 -8.39 19.93 3.35
N ASP A 189 -9.11 18.93 2.86
CA ASP A 189 -9.77 18.00 3.77
C ASP A 189 -8.77 17.08 4.46
N ARG A 190 -7.70 16.68 3.76
CA ARG A 190 -6.65 15.93 4.43
C ARG A 190 -6.04 16.74 5.56
N ARG A 191 -5.74 18.02 5.30
CA ARG A 191 -5.11 18.86 6.31
C ARG A 191 -6.06 19.07 7.49
N THR A 192 -7.36 19.19 7.21
CA THR A 192 -8.34 19.38 8.28
C THR A 192 -8.45 18.13 9.15
N GLU A 193 -8.56 16.96 8.52
CA GLU A 193 -8.74 15.73 9.30
C GLU A 193 -7.46 15.34 10.04
N GLU A 194 -6.29 15.66 9.48
CA GLU A 194 -5.05 15.42 10.21
C GLU A 194 -4.92 16.36 11.40
N GLU A 195 -5.44 17.59 11.29
CA GLU A 195 -5.43 18.51 12.42
C GLU A 195 -6.37 18.02 13.53
N ASN A 196 -7.57 17.57 13.15
CA ASN A 196 -8.51 17.03 14.12
C ASN A 196 -7.89 15.85 14.88
N LEU A 197 -7.24 14.94 14.16
CA LEU A 197 -6.63 13.77 14.80
C LEU A 197 -5.54 14.20 15.78
N ARG A 198 -4.70 15.16 15.39
CA ARG A 198 -3.63 15.62 16.26
C ARG A 198 -4.17 16.30 17.51
N LYS A 199 -5.39 16.85 17.46
CA LYS A 199 -5.99 17.52 18.60
C LYS A 199 -6.82 16.59 19.48
N LYS A 200 -7.14 15.38 19.02
CA LYS A 200 -7.92 14.44 19.79
C LYS A 200 -7.04 13.32 20.34
N ASP B 3 -1.39 1.64 19.97
CA ASP B 3 -0.09 0.99 19.94
C ASP B 3 0.87 1.71 18.99
N LEU B 4 1.89 2.35 19.58
CA LEU B 4 2.77 3.22 18.81
C LEU B 4 3.69 2.42 17.89
N GLY B 5 4.00 1.17 18.25
CA GLY B 5 4.82 0.36 17.37
C GLY B 5 4.15 0.10 16.03
N LYS B 6 2.86 -0.23 16.06
CA LYS B 6 2.11 -0.43 14.82
C LYS B 6 2.11 0.83 13.98
N LYS B 7 1.93 1.99 14.61
CA LYS B 7 1.94 3.25 13.87
C LYS B 7 3.32 3.54 13.29
N LEU B 8 4.38 3.23 14.04
CA LEU B 8 5.73 3.47 13.54
C LEU B 8 6.03 2.60 12.32
N LEU B 9 5.58 1.35 12.34
CA LEU B 9 5.74 0.49 11.17
C LEU B 9 5.15 1.15 9.92
N GLU B 10 3.92 1.66 10.04
CA GLU B 10 3.27 2.21 8.85
C GLU B 10 3.86 3.56 8.47
N ALA B 11 4.25 4.38 9.45
CA ALA B 11 4.90 5.65 9.14
C ALA B 11 6.23 5.42 8.43
N ALA B 12 7.00 4.43 8.86
CA ALA B 12 8.26 4.12 8.20
C ALA B 12 8.02 3.59 6.80
N TRP B 13 7.05 2.69 6.63
CA TRP B 13 6.73 2.17 5.30
C TRP B 13 6.31 3.28 4.36
N HIS B 14 5.42 4.19 4.81
CA HIS B 14 4.92 5.22 3.92
C HIS B 14 5.87 6.42 3.80
N GLY B 15 6.98 6.42 4.53
CA GLY B 15 7.96 7.48 4.36
C GLY B 15 7.54 8.82 4.92
N GLN B 16 6.78 8.82 6.01
CA GLN B 16 6.27 10.06 6.59
C GLN B 16 7.26 10.49 7.67
N ASP B 17 8.25 11.30 7.27
CA ASP B 17 9.36 11.62 8.17
C ASP B 17 8.88 12.34 9.43
N ASP B 18 7.95 13.29 9.29
CA ASP B 18 7.44 14.01 10.46
C ASP B 18 6.71 13.06 11.41
N GLU B 19 5.92 12.13 10.86
CA GLU B 19 5.23 11.17 11.70
C GLU B 19 6.22 10.24 12.39
N VAL B 20 7.25 9.78 11.68
CA VAL B 20 8.29 8.97 12.30
C VAL B 20 8.91 9.72 13.49
N ARG B 21 9.21 11.00 13.30
CA ARG B 21 9.85 11.75 14.38
C ARG B 21 8.94 11.89 15.59
N ILE B 22 7.65 12.18 15.36
CA ILE B 22 6.71 12.30 16.47
C ILE B 22 6.58 10.98 17.22
N LEU B 23 6.47 9.87 16.49
CA LEU B 23 6.30 8.58 17.14
C LEU B 23 7.53 8.21 17.95
N MET B 24 8.73 8.45 17.40
CA MET B 24 9.94 8.15 18.15
C MET B 24 10.12 9.08 19.32
N ALA B 25 9.65 10.33 19.21
CA ALA B 25 9.67 11.25 20.34
C ALA B 25 8.73 10.80 21.45
N ASN B 26 7.82 9.88 21.14
CA ASN B 26 6.97 9.27 22.15
C ASN B 26 7.39 7.84 22.48
N GLY B 27 8.60 7.45 22.08
CA GLY B 27 9.14 6.16 22.47
C GLY B 27 8.53 4.96 21.77
N ALA B 28 7.99 5.14 20.56
CA ALA B 28 7.47 4.01 19.81
C ALA B 28 8.55 2.96 19.63
N ASP B 29 8.17 1.69 19.76
CA ASP B 29 9.12 0.58 19.76
C ASP B 29 9.80 0.46 18.40
N VAL B 30 11.09 0.78 18.34
CA VAL B 30 11.81 0.74 17.07
C VAL B 30 11.96 -0.68 16.54
N ASN B 31 11.76 -1.69 17.38
CA ASN B 31 11.89 -3.08 16.99
C ASN B 31 10.53 -3.79 16.87
N ALA B 32 9.45 -3.02 16.73
CA ALA B 32 8.15 -3.60 16.45
C ALA B 32 8.20 -4.39 15.13
N THR B 33 7.35 -5.40 15.01
CA THR B 33 7.31 -6.21 13.81
C THR B 33 5.89 -6.28 13.25
N ASP B 34 5.79 -6.28 11.92
CA ASP B 34 4.50 -6.36 11.26
C ASP B 34 4.10 -7.83 11.06
N GLN B 35 3.04 -8.06 10.28
CA GLN B 35 2.55 -9.42 10.08
C GLN B 35 3.57 -10.32 9.41
N SER B 36 4.52 -9.76 8.67
CA SER B 36 5.55 -10.54 8.00
C SER B 36 6.86 -10.58 8.77
N GLY B 37 6.85 -10.11 10.02
CA GLY B 37 8.06 -10.06 10.82
C GLY B 37 9.01 -8.94 10.48
N MET B 38 8.58 -7.95 9.70
CA MET B 38 9.46 -6.85 9.33
C MET B 38 9.40 -5.73 10.37
N THR B 39 10.57 -5.17 10.66
CA THR B 39 10.70 -4.02 11.56
C THR B 39 10.59 -2.72 10.76
N PRO B 40 10.47 -1.58 11.45
CA PRO B 40 10.52 -0.29 10.73
C PRO B 40 11.76 -0.18 9.84
N LEU B 41 12.91 -0.69 10.30
CA LEU B 41 14.12 -0.62 9.49
C LEU B 41 13.99 -1.46 8.21
N HIS B 42 13.39 -2.65 8.31
CA HIS B 42 13.12 -3.44 7.09
C HIS B 42 12.26 -2.64 6.13
N LEU B 43 11.19 -2.04 6.63
CA LEU B 43 10.21 -1.38 5.76
C LEU B 43 10.81 -0.16 5.09
N ALA B 44 11.59 0.63 5.83
CA ALA B 44 12.21 1.80 5.24
C ALA B 44 13.28 1.41 4.23
N ALA B 45 14.02 0.33 4.51
CA ALA B 45 14.99 -0.17 3.56
C ALA B 45 14.31 -0.60 2.27
N TRP B 46 13.21 -1.34 2.38
CA TRP B 46 12.49 -1.84 1.21
C TRP B 46 12.01 -0.68 0.34
N ARG B 47 11.38 0.33 0.95
CA ARG B 47 10.85 1.45 0.19
C ARG B 47 11.92 2.43 -0.26
N GLY B 48 13.11 2.37 0.31
CA GLY B 48 14.17 3.29 -0.06
C GLY B 48 14.19 4.61 0.66
N HIS B 49 13.64 4.68 1.88
CA HIS B 49 13.59 5.93 2.65
C HIS B 49 14.88 6.07 3.44
N LEU B 50 15.90 6.68 2.80
CA LEU B 50 17.24 6.72 3.38
C LEU B 50 17.26 7.46 4.71
N GLU B 51 16.59 8.62 4.80
CA GLU B 51 16.64 9.40 6.03
C GLU B 51 15.99 8.67 7.20
N ILE B 52 14.90 7.95 6.94
CA ILE B 52 14.28 7.17 7.99
C ILE B 52 15.18 6.01 8.41
N VAL B 53 15.84 5.35 7.44
CA VAL B 53 16.83 4.34 7.79
C VAL B 53 17.88 4.90 8.74
N GLU B 54 18.38 6.10 8.41
CA GLU B 54 19.45 6.69 9.21
C GLU B 54 18.98 7.01 10.62
N VAL B 55 17.76 7.55 10.78
CA VAL B 55 17.32 7.88 12.13
C VAL B 55 17.06 6.62 12.94
N LEU B 56 16.59 5.55 12.29
CA LEU B 56 16.37 4.30 13.01
C LEU B 56 17.69 3.70 13.49
N LEU B 57 18.74 3.81 12.66
CA LEU B 57 20.04 3.30 13.07
C LEU B 57 20.65 4.10 14.21
N LYS B 58 20.38 5.40 14.28
CA LYS B 58 20.88 6.22 15.38
C LYS B 58 20.11 5.95 16.67
N THR B 59 19.05 5.15 16.60
CA THR B 59 18.15 4.93 17.73
C THR B 59 18.18 3.47 18.20
N GLY B 60 19.20 2.71 17.83
CA GLY B 60 19.34 1.37 18.34
C GLY B 60 18.46 0.32 17.70
N ALA B 61 17.85 0.61 16.55
CA ALA B 61 17.20 -0.45 15.78
C ALA B 61 18.21 -1.58 15.54
N ASP B 62 17.73 -2.81 15.63
CA ASP B 62 18.57 -3.98 15.38
C ASP B 62 18.87 -4.07 13.89
N VAL B 63 20.12 -3.80 13.52
CA VAL B 63 20.48 -3.75 12.10
C VAL B 63 20.34 -5.12 11.45
N ASN B 64 20.40 -6.20 12.23
CA ASN B 64 20.35 -7.56 11.70
C ASN B 64 19.09 -8.32 12.10
N ALA B 65 18.01 -7.62 12.42
CA ALA B 65 16.73 -8.27 12.67
C ALA B 65 16.29 -9.05 11.43
N ILE B 66 15.61 -10.18 11.64
CA ILE B 66 15.19 -11.03 10.54
C ILE B 66 13.66 -11.11 10.47
N ASP B 67 13.14 -11.10 9.24
CA ASP B 67 11.70 -11.23 9.02
C ASP B 67 11.31 -12.72 9.00
N ARG B 68 10.05 -13.00 8.64
CA ARG B 68 9.59 -14.38 8.67
C ARG B 68 10.29 -15.26 7.62
N TRP B 69 10.92 -14.65 6.62
CA TRP B 69 11.68 -15.38 5.62
C TRP B 69 13.18 -15.36 5.87
N GLY B 70 13.60 -14.87 7.04
CA GLY B 70 15.01 -14.82 7.38
C GLY B 70 15.78 -13.67 6.77
N LYS B 71 15.10 -12.70 6.15
CA LYS B 71 15.80 -11.56 5.57
C LYS B 71 16.11 -10.49 6.62
N THR B 72 17.31 -9.98 6.58
CA THR B 72 17.69 -8.77 7.30
C THR B 72 17.37 -7.55 6.45
N PRO B 73 17.44 -6.35 7.04
CA PRO B 73 17.28 -5.14 6.22
C PRO B 73 18.27 -5.06 5.07
N LEU B 74 19.51 -5.53 5.26
CA LEU B 74 20.47 -5.51 4.17
C LEU B 74 20.05 -6.42 3.02
N HIS B 75 19.40 -7.56 3.31
CA HIS B 75 18.84 -8.39 2.25
C HIS B 75 17.88 -7.60 1.39
N LEU B 76 16.95 -6.87 2.03
CA LEU B 76 15.96 -6.10 1.29
C LEU B 76 16.61 -5.01 0.44
N ALA B 77 17.54 -4.26 1.04
CA ALA B 77 18.20 -3.20 0.31
C ALA B 77 18.98 -3.74 -0.88
N ALA B 78 19.64 -4.89 -0.70
CA ALA B 78 20.41 -5.48 -1.79
C ALA B 78 19.49 -6.02 -2.88
N ARG B 79 18.35 -6.60 -2.50
CA ARG B 79 17.44 -7.19 -3.46
C ARG B 79 16.82 -6.14 -4.36
N ILE B 80 16.40 -5.02 -3.79
CA ILE B 80 15.65 -4.03 -4.55
C ILE B 80 16.54 -2.90 -5.09
N GLY B 81 17.83 -2.87 -4.74
CA GLY B 81 18.76 -1.95 -5.35
C GLY B 81 18.93 -0.60 -4.66
N ARG B 82 18.92 -0.59 -3.33
CA ARG B 82 19.02 0.65 -2.56
C ARG B 82 20.48 0.86 -2.18
N LEU B 83 21.23 1.51 -3.08
CA LEU B 83 22.68 1.59 -2.96
C LEU B 83 23.10 2.36 -1.71
N GLU B 84 22.58 3.58 -1.53
CA GLU B 84 22.96 4.37 -0.36
C GLU B 84 22.58 3.67 0.94
N ILE B 85 21.41 3.01 0.96
CA ILE B 85 20.97 2.30 2.16
C ILE B 85 21.88 1.10 2.44
N VAL B 86 22.33 0.39 1.41
CA VAL B 86 23.31 -0.68 1.60
C VAL B 86 24.55 -0.13 2.30
N GLU B 87 25.03 1.04 1.86
CA GLU B 87 26.26 1.59 2.44
C GLU B 87 26.06 1.95 3.91
N VAL B 88 24.92 2.57 4.25
CA VAL B 88 24.73 2.95 5.65
C VAL B 88 24.48 1.72 6.53
N LEU B 89 23.80 0.70 6.01
CA LEU B 89 23.60 -0.52 6.78
C LEU B 89 24.93 -1.20 7.07
N LEU B 90 25.81 -1.28 6.08
CA LEU B 90 27.14 -1.88 6.30
C LEU B 90 27.92 -1.10 7.34
N LYS B 91 27.90 0.24 7.24
CA LYS B 91 28.58 1.06 8.23
C LYS B 91 28.06 0.82 9.65
N ALA B 92 26.77 0.50 9.79
CA ALA B 92 26.16 0.25 11.08
C ALA B 92 26.29 -1.19 11.55
N GLY B 93 27.04 -2.03 10.84
CA GLY B 93 27.31 -3.38 11.29
C GLY B 93 26.45 -4.48 10.70
N ALA B 94 25.81 -4.23 9.55
CA ALA B 94 25.02 -5.29 8.91
C ALA B 94 25.91 -6.48 8.57
N ASP B 95 25.34 -7.68 8.72
CA ASP B 95 26.06 -8.94 8.57
C ASP B 95 25.97 -9.40 7.12
N VAL B 96 27.10 -9.35 6.41
CA VAL B 96 27.11 -9.74 5.00
C VAL B 96 26.93 -11.24 4.81
N ASN B 97 27.12 -12.05 5.87
CA ASN B 97 27.07 -13.49 5.76
C ASN B 97 25.72 -14.08 6.16
N ALA B 98 24.78 -13.24 6.61
CA ALA B 98 23.48 -13.74 7.02
C ALA B 98 22.74 -14.36 5.85
N GLN B 99 22.24 -15.58 6.05
CA GLN B 99 21.48 -16.29 5.03
C GLN B 99 20.01 -16.27 5.38
N ASP B 100 19.17 -16.02 4.38
CA ASP B 100 17.72 -16.08 4.57
C ASP B 100 17.27 -17.53 4.47
N LYS B 101 15.97 -17.77 4.48
CA LYS B 101 15.45 -19.14 4.45
C LYS B 101 15.52 -19.78 3.07
N PHE B 102 15.98 -19.06 2.05
CA PHE B 102 16.34 -19.65 0.78
C PHE B 102 17.85 -19.84 0.66
N GLY B 103 18.59 -19.69 1.76
CA GLY B 103 20.03 -19.82 1.75
C GLY B 103 20.78 -18.67 1.11
N LYS B 104 20.13 -17.53 0.88
CA LYS B 104 20.74 -16.43 0.15
C LYS B 104 21.30 -15.39 1.11
N THR B 105 22.52 -14.93 0.83
CA THR B 105 23.06 -13.75 1.49
C THR B 105 22.57 -12.51 0.76
N PRO B 106 22.79 -11.32 1.35
CA PRO B 106 22.48 -10.09 0.60
C PRO B 106 23.19 -10.03 -0.74
N PHE B 107 24.47 -10.41 -0.79
CA PHE B 107 25.20 -10.50 -2.07
C PHE B 107 24.44 -11.36 -3.07
N ASP B 108 23.99 -12.54 -2.65
CA ASP B 108 23.28 -13.43 -3.56
C ASP B 108 22.04 -12.76 -4.12
N LEU B 109 21.32 -12.01 -3.28
CA LEU B 109 20.12 -11.32 -3.75
C LEU B 109 20.47 -10.20 -4.72
N ALA B 110 21.59 -9.50 -4.48
CA ALA B 110 22.02 -8.47 -5.41
C ALA B 110 22.32 -9.08 -6.78
N ILE B 111 23.04 -10.21 -6.78
CA ILE B 111 23.33 -10.91 -8.03
C ILE B 111 22.04 -11.32 -8.73
N ASP B 112 21.12 -11.95 -7.98
CA ASP B 112 19.90 -12.49 -8.56
C ASP B 112 19.03 -11.41 -9.18
N ASN B 113 19.13 -10.18 -8.69
CA ASN B 113 18.30 -9.09 -9.16
C ASN B 113 19.03 -8.11 -10.07
N GLY B 114 20.23 -8.47 -10.51
CA GLY B 114 20.93 -7.64 -11.47
C GLY B 114 21.51 -6.35 -10.92
N ASN B 115 21.73 -6.28 -9.61
CA ASN B 115 22.21 -5.05 -8.98
C ASN B 115 23.74 -5.12 -8.87
N GLU B 116 24.40 -4.77 -9.97
CA GLU B 116 25.83 -5.04 -10.13
C GLU B 116 26.69 -4.18 -9.20
N ASP B 117 26.39 -2.87 -9.13
CA ASP B 117 27.16 -1.99 -8.26
C ASP B 117 27.06 -2.44 -6.79
N ILE B 118 25.85 -2.80 -6.36
CA ILE B 118 25.68 -3.24 -4.97
C ILE B 118 26.40 -4.57 -4.74
N ALA B 119 26.35 -5.48 -5.71
CA ALA B 119 27.07 -6.73 -5.56
C ALA B 119 28.57 -6.50 -5.37
N GLU B 120 29.13 -5.53 -6.10
CA GLU B 120 30.53 -5.19 -5.92
C GLU B 120 30.81 -4.64 -4.53
N VAL B 121 29.95 -3.73 -4.05
CA VAL B 121 30.12 -3.19 -2.70
C VAL B 121 30.11 -4.31 -1.66
N LEU B 122 29.17 -5.25 -1.80
CA LEU B 122 29.06 -6.32 -0.81
C LEU B 122 30.23 -7.28 -0.89
N GLN B 123 30.74 -7.56 -2.09
CA GLN B 123 31.88 -8.47 -2.20
C GLN B 123 33.14 -7.85 -1.61
N LYS B 124 33.34 -6.55 -1.78
CA LYS B 124 34.50 -5.90 -1.17
C LYS B 124 34.39 -5.91 0.36
N ALA B 125 33.17 -5.95 0.89
CA ALA B 125 32.95 -6.02 2.33
C ALA B 125 32.90 -7.44 2.87
N ALA B 126 33.08 -8.45 2.01
CA ALA B 126 33.00 -9.84 2.45
C ALA B 126 34.17 -10.22 3.35
C1 EDO C . -2.28 8.49 -3.90
O1 EDO C . -1.54 7.39 -4.43
C2 EDO C . -1.59 9.82 -4.20
O2 EDO C . -0.58 10.05 -3.20
C1 EDO D . -20.17 14.14 -13.37
O1 EDO D . -19.03 14.91 -12.97
C2 EDO D . -19.77 12.67 -13.46
O2 EDO D . -18.92 12.47 -14.59
ZN ZN E . -22.92 10.65 -7.16
C1 EDO F . 14.33 -13.97 -0.44
O1 EDO F . 15.35 -14.89 -0.89
C2 EDO F . 13.71 -14.44 0.87
O2 EDO F . 12.66 -13.56 1.29
#